data_7I22
#
_entry.id   7I22
#
_cell.length_a   42.396
_cell.length_b   42.396
_cell.length_c   217.025
_cell.angle_alpha   90.00
_cell.angle_beta   90.00
_cell.angle_gamma   90.00
#
_symmetry.space_group_name_H-M   'P 43 2 2'
#
loop_
_entity.id
_entity.type
_entity.pdbx_description
1 polymer 'Serine protease subunit NS2B'
2 polymer 'Serine protease NS3'
3 non-polymer 'DIMETHYL SULFOXIDE'
4 non-polymer N-[4-(hydroxymethyl)-2-methylquinolin-8-yl]-3-(piperidin-4-yl)propanamide
5 water water
#
loop_
_entity_poly.entity_id
_entity_poly.type
_entity_poly.pdbx_seq_one_letter_code
_entity_poly.pdbx_strand_id
1 'polypeptide(L)' SMGKSVDMYIERAGDITWEKDAEVTGNSPRLDVALDESGDFSLVEE A
2 'polypeptide(L)'
;MKEVKKGETTDGVYRVMTRRLLGSTQVGVGVMQEGVFHTMWHVTKGAALRSGEGRLDPYWGDVKQDLVSYCGPWKLDAAW
DGLSEVQLLAVPPGERAKNIQTLPGIFKTKDGDIGAVALDYPAGTSGSPILDKCGRVIGLYGNGVVIKNGSYVSAITQGK
REEETPVE
;
B
#
loop_
_chem_comp.id
_chem_comp.type
_chem_comp.name
_chem_comp.formula
A1BXV non-polymer N-[4-(hydroxymethyl)-2-methylquinolin-8-yl]-3-(piperidin-4-yl)propanamide 'C19 H25 N3 O2'
DMS non-polymer 'DIMETHYL SULFOXIDE' 'C2 H6 O S'
#
# COMPACT_ATOMS: atom_id res chain seq x y z
N ASP A 7 6.67 19.92 -4.67
CA ASP A 7 7.73 19.04 -4.17
C ASP A 7 7.30 18.25 -2.91
N MET A 8 7.42 16.92 -2.99
CA MET A 8 7.03 15.96 -1.96
C MET A 8 8.11 15.60 -0.95
N TYR A 9 7.68 15.26 0.29
CA TYR A 9 8.56 14.87 1.39
C TYR A 9 7.98 13.74 2.26
N ILE A 10 8.83 13.02 3.01
CA ILE A 10 8.39 11.93 3.87
C ILE A 10 8.56 12.24 5.37
N GLU A 11 7.64 11.71 6.21
CA GLU A 11 7.64 11.86 7.67
C GLU A 11 7.33 10.49 8.28
N ARG A 12 8.11 10.04 9.29
CA ARG A 12 7.84 8.73 9.90
C ARG A 12 6.47 8.69 10.56
N ALA A 13 5.76 7.54 10.45
CA ALA A 13 4.45 7.35 11.08
C ALA A 13 4.39 6.14 12.04
N GLY A 14 5.46 5.36 12.13
CA GLY A 14 5.46 4.20 13.03
C GLY A 14 6.22 2.98 12.56
N ASP A 15 6.25 1.93 13.41
CA ASP A 15 6.93 0.66 13.13
C ASP A 15 6.04 -0.28 12.38
N ILE A 16 6.63 -1.22 11.65
CA ILE A 16 5.84 -2.26 10.99
C ILE A 16 5.91 -3.46 11.93
N THR A 17 4.87 -3.62 12.74
N THR A 17 4.87 -3.62 12.74
CA THR A 17 4.76 -4.67 13.74
CA THR A 17 4.76 -4.67 13.74
C THR A 17 3.34 -5.22 13.78
C THR A 17 3.34 -5.22 13.78
N TRP A 18 3.19 -6.54 13.93
CA TRP A 18 1.86 -7.16 14.05
C TRP A 18 1.39 -6.82 15.48
N GLU A 19 0.15 -6.33 15.65
CA GLU A 19 -0.33 -5.96 16.98
C GLU A 19 -1.42 -6.90 17.49
N LYS A 20 -1.14 -7.58 18.61
CA LYS A 20 -2.08 -8.53 19.20
C LYS A 20 -3.28 -7.77 19.72
N ASP A 21 -4.48 -8.26 19.40
CA ASP A 21 -5.75 -7.69 19.83
C ASP A 21 -6.08 -6.40 19.10
N ALA A 22 -5.77 -6.36 17.79
CA ALA A 22 -6.13 -5.25 16.93
C ALA A 22 -7.62 -5.43 16.55
N GLU A 23 -8.27 -4.36 16.09
CA GLU A 23 -9.69 -4.40 15.69
C GLU A 23 -9.85 -5.29 14.44
N VAL A 24 -10.68 -6.34 14.55
CA VAL A 24 -10.93 -7.32 13.49
C VAL A 24 -12.20 -6.97 12.70
N THR A 25 -12.06 -6.52 11.46
CA THR A 25 -13.20 -6.13 10.63
C THR A 25 -12.92 -6.45 9.15
N GLY A 26 -13.92 -6.29 8.27
CA GLY A 26 -13.75 -6.51 6.84
C GLY A 26 -14.09 -7.91 6.37
N ASN A 27 -14.87 -7.99 5.28
CA ASN A 27 -15.25 -9.28 4.70
C ASN A 27 -14.16 -9.79 3.68
N SER A 28 -14.35 -10.99 3.07
CA SER A 28 -13.38 -11.59 2.13
C SER A 28 -14.05 -11.96 0.80
N PRO A 29 -14.37 -10.98 -0.06
CA PRO A 29 -15.08 -11.30 -1.31
C PRO A 29 -14.19 -11.85 -2.42
N ARG A 30 -14.76 -12.72 -3.27
CA ARG A 30 -14.04 -13.28 -4.42
C ARG A 30 -14.62 -12.59 -5.65
N LEU A 31 -13.80 -11.74 -6.30
CA LEU A 31 -14.21 -10.93 -7.44
C LEU A 31 -13.50 -11.29 -8.73
N ASP A 32 -14.21 -11.26 -9.86
CA ASP A 32 -13.57 -11.49 -11.16
C ASP A 32 -13.11 -10.12 -11.63
N VAL A 33 -11.79 -9.90 -11.73
CA VAL A 33 -11.29 -8.57 -12.12
C VAL A 33 -10.34 -8.63 -13.33
N ALA A 34 -10.19 -7.47 -14.01
CA ALA A 34 -9.29 -7.29 -15.12
C ALA A 34 -8.30 -6.18 -14.77
N LEU A 35 -7.06 -6.29 -15.23
CA LEU A 35 -6.05 -5.29 -14.96
C LEU A 35 -5.56 -4.76 -16.33
N ASP A 36 -5.76 -3.46 -16.57
CA ASP A 36 -5.36 -2.88 -17.84
C ASP A 36 -3.90 -2.36 -17.83
N GLU A 37 -3.39 -1.95 -18.99
CA GLU A 37 -2.04 -1.42 -19.20
C GLU A 37 -1.75 -0.19 -18.32
N SER A 38 -2.77 0.61 -18.01
CA SER A 38 -2.60 1.77 -17.13
C SER A 38 -2.62 1.40 -15.62
N GLY A 39 -2.67 0.11 -15.26
CA GLY A 39 -2.67 -0.30 -13.87
C GLY A 39 -4.00 -0.14 -13.14
N ASP A 40 -5.10 0.06 -13.89
CA ASP A 40 -6.43 0.23 -13.33
C ASP A 40 -7.19 -1.10 -13.33
N PHE A 41 -7.68 -1.49 -12.16
CA PHE A 41 -8.49 -2.69 -11.98
C PHE A 41 -9.95 -2.41 -12.32
N SER A 42 -10.63 -3.37 -12.92
CA SER A 42 -12.05 -3.22 -13.23
C SER A 42 -12.80 -4.53 -13.01
N LEU A 43 -14.11 -4.47 -12.75
CA LEU A 43 -14.88 -5.69 -12.54
C LEU A 43 -15.33 -6.33 -13.84
N VAL A 44 -15.08 -7.63 -13.96
CA VAL A 44 -15.51 -8.44 -15.10
C VAL A 44 -16.78 -9.16 -14.67
N GLU A 45 -17.85 -9.08 -15.49
CA GLU A 45 -19.10 -9.75 -15.16
C GLU A 45 -19.64 -10.51 -16.36
N GLY B 7 18.34 11.76 4.44
CA GLY B 7 17.73 12.03 5.73
C GLY B 7 17.39 10.78 6.52
N GLU B 8 16.19 10.74 7.16
CA GLU B 8 15.79 9.56 7.93
C GLU B 8 15.66 8.27 7.11
N THR B 9 16.53 7.30 7.39
N THR B 9 16.54 7.31 7.39
N THR B 9 16.53 7.30 7.39
N THR B 9 16.54 7.31 7.39
CA THR B 9 16.51 6.02 6.67
CA THR B 9 16.55 6.02 6.70
CA THR B 9 16.51 6.02 6.67
CA THR B 9 16.55 6.02 6.70
C THR B 9 16.10 4.83 7.58
C THR B 9 16.13 4.84 7.59
C THR B 9 16.10 4.83 7.58
C THR B 9 16.13 4.84 7.59
N THR B 10 15.51 5.11 8.75
CA THR B 10 15.09 4.08 9.68
C THR B 10 13.92 3.30 9.10
N ASP B 11 13.94 1.97 9.22
CA ASP B 11 12.83 1.11 8.81
C ASP B 11 11.52 1.58 9.48
N GLY B 12 10.41 1.44 8.77
CA GLY B 12 9.11 1.86 9.28
C GLY B 12 8.16 2.29 8.20
N VAL B 13 7.01 2.79 8.60
CA VAL B 13 6.00 3.29 7.69
C VAL B 13 6.03 4.83 7.72
N TYR B 14 5.84 5.48 6.57
CA TYR B 14 6.00 6.93 6.45
C TYR B 14 4.86 7.54 5.67
N ARG B 15 4.54 8.79 5.99
CA ARG B 15 3.54 9.56 5.24
C ARG B 15 4.26 10.24 4.07
N VAL B 16 3.60 10.32 2.92
CA VAL B 16 4.07 11.01 1.73
C VAL B 16 3.26 12.29 1.67
N MET B 17 3.90 13.44 1.86
CA MET B 17 3.21 14.72 1.90
C MET B 17 3.58 15.62 0.72
N THR B 18 2.74 16.62 0.43
CA THR B 18 3.04 17.65 -0.55
C THR B 18 2.59 19.04 -0.05
N ARG B 19 3.39 20.08 -0.34
CA ARG B 19 3.03 21.47 0.00
C ARG B 19 2.50 22.26 -1.24
N ARG B 20 2.30 21.58 -2.38
CA ARG B 20 1.87 22.16 -3.66
C ARG B 20 0.40 22.59 -3.63
N LEU B 21 -0.45 21.82 -2.94
CA LEU B 21 -1.87 22.14 -2.82
C LEU B 21 -2.09 23.06 -1.57
N LEU B 22 -3.34 23.20 -1.09
CA LEU B 22 -3.61 24.01 0.09
C LEU B 22 -3.07 23.27 1.32
N GLY B 23 -2.37 24.00 2.21
CA GLY B 23 -1.73 23.44 3.40
C GLY B 23 -0.75 22.32 3.11
N SER B 24 -0.61 21.38 4.05
CA SER B 24 0.25 20.21 3.82
C SER B 24 -0.71 19.06 3.64
N THR B 25 -0.79 18.52 2.41
CA THR B 25 -1.72 17.47 2.07
C THR B 25 -1.05 16.10 2.01
N GLN B 26 -1.63 15.07 2.66
CA GLN B 26 -1.08 13.73 2.59
C GLN B 26 -1.56 13.05 1.32
N VAL B 27 -0.64 12.69 0.41
CA VAL B 27 -1.01 12.04 -0.84
C VAL B 27 -0.89 10.49 -0.81
N GLY B 28 -0.14 9.98 0.16
CA GLY B 28 0.07 8.55 0.27
C GLY B 28 0.96 8.16 1.42
N VAL B 29 1.36 6.90 1.45
CA VAL B 29 2.13 6.25 2.51
C VAL B 29 3.18 5.31 1.84
N GLY B 30 4.25 4.99 2.56
CA GLY B 30 5.27 4.09 2.06
C GLY B 30 6.02 3.33 3.14
N VAL B 31 6.84 2.36 2.74
CA VAL B 31 7.61 1.50 3.64
C VAL B 31 9.11 1.70 3.45
N MET B 32 9.84 1.97 4.54
CA MET B 32 11.29 2.09 4.44
C MET B 32 11.87 0.75 4.91
N GLN B 33 12.64 0.06 4.05
CA GLN B 33 13.22 -1.22 4.42
C GLN B 33 14.54 -1.44 3.73
N GLU B 34 15.59 -1.70 4.51
CA GLU B 34 16.93 -1.91 4.01
C GLU B 34 17.44 -0.76 3.14
N GLY B 35 17.16 0.47 3.56
CA GLY B 35 17.58 1.70 2.88
C GLY B 35 16.81 2.04 1.62
N VAL B 36 15.67 1.33 1.38
CA VAL B 36 14.83 1.48 0.18
C VAL B 36 13.42 1.93 0.54
N PHE B 37 12.92 3.00 -0.10
CA PHE B 37 11.58 3.49 0.19
C PHE B 37 10.63 2.89 -0.84
N HIS B 38 9.57 2.21 -0.41
CA HIS B 38 8.64 1.50 -1.28
C HIS B 38 7.29 2.17 -1.21
N THR B 39 6.69 2.51 -2.37
CA THR B 39 5.36 3.12 -2.36
C THR B 39 4.62 2.76 -3.65
N MET B 40 3.37 3.24 -3.81
CA MET B 40 2.62 3.00 -5.04
C MET B 40 2.98 4.10 -6.04
N TRP B 41 2.97 3.77 -7.33
N TRP B 41 2.97 3.77 -7.33
N TRP B 41 2.97 3.77 -7.33
N TRP B 41 2.97 3.77 -7.34
CA TRP B 41 3.30 4.71 -8.39
CA TRP B 41 3.31 4.70 -8.40
CA TRP B 41 3.30 4.71 -8.39
CA TRP B 41 3.32 4.72 -8.40
C TRP B 41 2.35 5.89 -8.46
C TRP B 41 2.34 5.88 -8.48
C TRP B 41 2.35 5.89 -8.46
C TRP B 41 2.34 5.89 -8.48
N HIS B 42 1.04 5.65 -8.30
CA HIS B 42 0.05 6.75 -8.39
C HIS B 42 0.16 7.84 -7.26
N VAL B 43 0.94 7.58 -6.20
CA VAL B 43 1.18 8.50 -5.10
C VAL B 43 2.21 9.58 -5.52
N THR B 44 3.36 9.16 -6.05
CA THR B 44 4.43 10.10 -6.43
C THR B 44 4.48 10.47 -7.89
N LYS B 45 3.92 9.62 -8.75
CA LYS B 45 4.05 9.65 -10.21
C LYS B 45 5.54 9.54 -10.62
N GLY B 46 6.36 8.87 -9.79
CA GLY B 46 7.78 8.75 -10.05
C GLY B 46 8.62 9.97 -9.72
N ALA B 47 8.03 11.01 -9.08
CA ALA B 47 8.78 12.21 -8.72
C ALA B 47 9.78 11.95 -7.58
N ALA B 48 10.83 12.77 -7.46
CA ALA B 48 11.79 12.64 -6.36
C ALA B 48 11.14 12.99 -5.02
N LEU B 49 11.70 12.50 -3.91
CA LEU B 49 11.17 12.78 -2.59
C LEU B 49 12.21 13.44 -1.70
N ARG B 50 11.76 14.20 -0.73
CA ARG B 50 12.64 14.88 0.21
C ARG B 50 12.51 14.20 1.61
N SER B 51 13.61 14.13 2.36
CA SER B 51 13.58 13.55 3.71
C SER B 51 14.42 14.49 4.58
N GLY B 52 13.81 15.59 5.01
CA GLY B 52 14.53 16.64 5.72
C GLY B 52 15.35 17.37 4.68
N GLU B 53 16.68 17.32 4.79
CA GLU B 53 17.53 17.93 3.76
C GLU B 53 18.00 16.90 2.70
N GLY B 54 17.87 15.60 2.98
CA GLY B 54 18.27 14.54 2.06
C GLY B 54 17.31 14.33 0.91
N ARG B 55 17.78 13.73 -0.19
CA ARG B 55 16.95 13.47 -1.37
C ARG B 55 16.83 11.96 -1.67
N LEU B 56 15.64 11.53 -2.09
CA LEU B 56 15.40 10.15 -2.48
C LEU B 56 15.07 10.17 -3.95
N ASP B 57 15.85 9.48 -4.77
CA ASP B 57 15.57 9.42 -6.20
C ASP B 57 14.98 8.06 -6.58
N PRO B 58 14.05 8.02 -7.54
CA PRO B 58 13.49 6.72 -7.96
C PRO B 58 14.53 5.78 -8.58
N TYR B 59 14.33 4.47 -8.40
CA TYR B 59 15.25 3.46 -8.87
C TYR B 59 14.55 2.46 -9.78
N TRP B 60 13.35 2.07 -9.43
CA TRP B 60 12.56 1.13 -10.22
C TRP B 60 11.09 1.54 -10.12
N GLY B 61 10.35 1.36 -11.19
CA GLY B 61 8.93 1.69 -11.21
C GLY B 61 8.22 1.01 -12.35
N ASP B 62 6.91 0.83 -12.21
CA ASP B 62 6.08 0.16 -13.21
C ASP B 62 4.65 0.60 -13.01
N VAL B 63 4.08 1.30 -14.01
CA VAL B 63 2.70 1.81 -13.92
C VAL B 63 1.68 0.67 -13.87
N LYS B 64 1.95 -0.47 -14.50
CA LYS B 64 0.98 -1.58 -14.50
C LYS B 64 0.88 -2.24 -13.14
N GLN B 65 2.02 -2.55 -12.53
CA GLN B 65 2.06 -3.08 -11.17
C GLN B 65 1.64 -2.02 -10.15
N ASP B 66 1.76 -0.72 -10.51
CA ASP B 66 1.50 0.45 -9.69
C ASP B 66 2.42 0.46 -8.48
N LEU B 67 3.71 0.20 -8.70
CA LEU B 67 4.71 0.25 -7.63
C LEU B 67 5.91 1.04 -8.06
N VAL B 68 6.66 1.56 -7.06
CA VAL B 68 7.89 2.31 -7.30
C VAL B 68 8.80 2.17 -6.05
N SER B 69 10.11 2.07 -6.25
CA SER B 69 11.14 1.98 -5.19
C SER B 69 12.14 3.13 -5.33
N TYR B 70 12.65 3.59 -4.22
CA TYR B 70 13.58 4.71 -4.18
C TYR B 70 14.83 4.26 -3.48
N CYS B 71 16.00 4.73 -4.02
CA CYS B 71 17.36 4.45 -3.53
C CYS B 71 17.87 3.06 -3.84
N GLY B 72 17.00 2.14 -4.22
CA GLY B 72 17.43 0.79 -4.55
C GLY B 72 16.34 -0.09 -5.08
N PRO B 73 16.69 -1.32 -5.42
CA PRO B 73 15.66 -2.25 -5.89
C PRO B 73 14.60 -2.63 -4.86
N TRP B 74 13.42 -3.06 -5.33
CA TRP B 74 12.32 -3.52 -4.51
C TRP B 74 12.81 -4.64 -3.53
N LYS B 75 12.70 -4.41 -2.21
CA LYS B 75 13.18 -5.36 -1.19
C LYS B 75 12.10 -6.25 -0.58
N LEU B 76 10.81 -5.87 -0.71
CA LEU B 76 9.71 -6.58 -0.06
C LEU B 76 9.30 -7.83 -0.85
N ASP B 77 9.54 -9.02 -0.28
CA ASP B 77 9.25 -10.26 -1.01
C ASP B 77 8.35 -11.27 -0.28
N ALA B 78 7.81 -10.93 0.90
CA ALA B 78 6.89 -11.84 1.59
C ALA B 78 5.57 -11.89 0.84
N ALA B 79 4.87 -13.03 0.95
CA ALA B 79 3.57 -13.17 0.29
C ALA B 79 2.50 -13.73 1.23
N TRP B 80 1.24 -13.40 0.96
CA TRP B 80 0.10 -13.92 1.71
C TRP B 80 0.05 -15.44 1.51
N ASP B 81 -0.14 -16.21 2.59
CA ASP B 81 -0.17 -17.67 2.45
C ASP B 81 -1.50 -18.24 1.88
N GLY B 82 -2.45 -17.36 1.56
CA GLY B 82 -3.76 -17.73 1.01
C GLY B 82 -4.74 -18.28 2.02
N LEU B 83 -4.34 -18.34 3.30
CA LEU B 83 -5.16 -18.92 4.34
C LEU B 83 -5.41 -18.04 5.55
N SER B 84 -4.36 -17.37 6.08
CA SER B 84 -4.49 -16.66 7.35
C SER B 84 -4.88 -15.21 7.24
N GLU B 85 -5.34 -14.65 8.37
CA GLU B 85 -5.67 -13.23 8.50
C GLU B 85 -4.38 -12.40 8.43
N VAL B 86 -4.53 -11.12 8.08
CA VAL B 86 -3.43 -10.18 7.89
C VAL B 86 -3.74 -8.86 8.61
N GLN B 87 -2.77 -7.94 8.68
CA GLN B 87 -3.03 -6.63 9.25
C GLN B 87 -2.71 -5.50 8.28
N LEU B 88 -3.68 -4.61 8.09
CA LEU B 88 -3.47 -3.42 7.30
C LEU B 88 -2.96 -2.40 8.30
N LEU B 89 -1.72 -1.97 8.15
CA LEU B 89 -1.20 -0.94 9.01
C LEU B 89 -1.57 0.35 8.27
N ALA B 90 -2.84 0.76 8.47
CA ALA B 90 -3.44 1.92 7.84
C ALA B 90 -2.84 3.19 8.42
N VAL B 91 -2.33 4.11 7.58
CA VAL B 91 -1.83 5.42 8.01
C VAL B 91 -2.70 6.51 7.34
N PRO B 92 -3.87 6.84 7.95
CA PRO B 92 -4.79 7.79 7.28
C PRO B 92 -4.36 9.24 7.42
N PRO B 93 -4.76 10.11 6.47
CA PRO B 93 -4.37 11.53 6.58
C PRO B 93 -4.83 12.17 7.90
N GLY B 94 -3.89 12.85 8.56
CA GLY B 94 -4.09 13.52 9.84
C GLY B 94 -4.40 12.61 11.01
N GLU B 95 -4.39 11.29 10.81
CA GLU B 95 -4.73 10.35 11.87
C GLU B 95 -3.58 9.40 12.14
N ARG B 96 -3.52 8.86 13.37
CA ARG B 96 -2.48 7.95 13.84
C ARG B 96 -2.46 6.64 13.07
N ALA B 97 -1.28 5.99 12.95
CA ALA B 97 -1.15 4.66 12.34
C ALA B 97 -2.00 3.66 13.15
N LYS B 98 -2.76 2.80 12.49
CA LYS B 98 -3.67 1.88 13.17
C LYS B 98 -3.67 0.50 12.48
N ASN B 99 -3.53 -0.59 13.26
CA ASN B 99 -3.52 -1.93 12.67
C ASN B 99 -4.93 -2.47 12.63
N ILE B 100 -5.37 -2.96 11.47
CA ILE B 100 -6.70 -3.54 11.32
C ILE B 100 -6.55 -4.95 10.80
N GLN B 101 -7.13 -5.92 11.46
CA GLN B 101 -7.03 -7.32 11.11
C GLN B 101 -8.22 -7.80 10.26
N THR B 102 -7.92 -8.45 9.13
CA THR B 102 -8.97 -8.93 8.25
C THR B 102 -8.57 -10.23 7.59
N LEU B 103 -9.56 -10.98 7.04
CA LEU B 103 -9.21 -12.16 6.25
C LEU B 103 -9.38 -11.68 4.83
N PRO B 104 -8.30 -11.75 4.04
CA PRO B 104 -8.39 -11.27 2.66
C PRO B 104 -9.31 -12.09 1.77
N GLY B 105 -9.88 -11.40 0.81
CA GLY B 105 -10.65 -11.99 -0.27
C GLY B 105 -9.71 -12.31 -1.44
N ILE B 106 -10.26 -12.50 -2.64
CA ILE B 106 -9.47 -12.86 -3.81
C ILE B 106 -9.88 -12.06 -5.04
N PHE B 107 -8.91 -11.63 -5.82
CA PHE B 107 -9.13 -11.01 -7.11
C PHE B 107 -8.75 -12.12 -8.07
N LYS B 108 -9.73 -12.70 -8.77
CA LYS B 108 -9.43 -13.72 -9.77
C LYS B 108 -9.18 -12.98 -11.08
N THR B 109 -7.97 -13.10 -11.66
CA THR B 109 -7.68 -12.47 -12.95
C THR B 109 -7.38 -13.57 -14.03
N LYS B 110 -7.18 -13.16 -15.31
CA LYS B 110 -6.83 -14.12 -16.36
C LYS B 110 -5.38 -14.66 -16.21
N ASP B 111 -4.54 -13.97 -15.39
CA ASP B 111 -3.17 -14.34 -15.10
C ASP B 111 -2.96 -14.85 -13.67
N GLY B 112 -4.02 -15.25 -12.98
CA GLY B 112 -3.89 -15.77 -11.62
C GLY B 112 -4.65 -15.03 -10.54
N ASP B 113 -4.63 -15.59 -9.32
CA ASP B 113 -5.32 -15.00 -8.18
C ASP B 113 -4.40 -14.10 -7.34
N ILE B 114 -4.94 -12.99 -6.84
CA ILE B 114 -4.27 -12.00 -6.01
C ILE B 114 -5.11 -11.84 -4.72
N GLY B 115 -4.45 -11.66 -3.57
CA GLY B 115 -5.17 -11.39 -2.34
C GLY B 115 -5.81 -10.00 -2.42
N ALA B 116 -6.89 -9.79 -1.69
CA ALA B 116 -7.58 -8.51 -1.69
C ALA B 116 -8.07 -8.19 -0.26
N VAL B 117 -8.03 -6.91 0.12
N VAL B 117 -8.06 -6.92 0.09
N VAL B 117 -8.03 -6.91 0.12
N VAL B 117 -8.06 -6.92 0.09
CA VAL B 117 -8.48 -6.48 1.44
CA VAL B 117 -8.46 -6.46 1.40
CA VAL B 117 -8.48 -6.48 1.44
CA VAL B 117 -8.46 -6.46 1.40
C VAL B 117 -9.67 -5.53 1.33
C VAL B 117 -9.68 -5.52 1.29
C VAL B 117 -9.67 -5.53 1.33
C VAL B 117 -9.68 -5.52 1.29
N ALA B 118 -10.80 -5.90 1.94
CA ALA B 118 -12.00 -5.10 1.90
C ALA B 118 -12.09 -4.15 3.08
N LEU B 119 -11.24 -3.12 3.06
CA LEU B 119 -11.22 -2.09 4.09
C LEU B 119 -11.23 -0.77 3.31
N ASP B 120 -12.14 0.14 3.67
N ASP B 120 -12.14 0.14 3.67
CA ASP B 120 -12.28 1.41 2.97
CA ASP B 120 -12.28 1.41 2.97
C ASP B 120 -11.59 2.53 3.75
C ASP B 120 -11.59 2.53 3.75
N TYR B 121 -10.63 3.20 3.11
CA TYR B 121 -9.87 4.30 3.70
C TYR B 121 -9.68 5.44 2.68
N PRO B 122 -9.38 6.69 3.13
CA PRO B 122 -9.20 7.78 2.15
C PRO B 122 -8.11 7.53 1.11
N ALA B 123 -8.18 8.18 -0.06
CA ALA B 123 -7.18 7.98 -1.12
C ALA B 123 -5.73 8.20 -0.66
N GLY B 124 -5.52 9.13 0.29
CA GLY B 124 -4.20 9.42 0.85
C GLY B 124 -3.62 8.35 1.74
N THR B 125 -4.38 7.27 2.00
CA THR B 125 -3.95 6.09 2.75
C THR B 125 -3.15 5.12 1.80
N SER B 126 -3.24 5.30 0.45
CA SER B 126 -2.54 4.49 -0.56
C SER B 126 -1.05 4.31 -0.30
N GLY B 127 -0.60 3.06 -0.25
CA GLY B 127 0.78 2.71 0.04
C GLY B 127 0.98 2.14 1.43
N SER B 128 -0.08 2.12 2.27
CA SER B 128 -0.03 1.57 3.63
C SER B 128 0.25 0.05 3.51
N PRO B 129 1.20 -0.45 4.29
CA PRO B 129 1.55 -1.88 4.19
C PRO B 129 0.58 -2.87 4.82
N ILE B 130 0.52 -4.05 4.20
CA ILE B 130 -0.28 -5.18 4.69
C ILE B 130 0.72 -6.20 5.20
N LEU B 131 0.53 -6.69 6.44
CA LEU B 131 1.52 -7.56 7.06
C LEU B 131 1.02 -8.91 7.49
N ASP B 132 1.95 -9.87 7.61
CA ASP B 132 1.65 -11.20 8.11
C ASP B 132 1.92 -11.29 9.65
N LYS B 133 1.63 -12.44 10.27
CA LYS B 133 1.80 -12.61 11.73
C LYS B 133 3.25 -12.37 12.21
N CYS B 134 4.23 -12.47 11.29
CA CYS B 134 5.65 -12.20 11.63
C CYS B 134 6.07 -10.74 11.49
N GLY B 135 5.15 -9.87 11.06
CA GLY B 135 5.45 -8.47 10.82
C GLY B 135 6.04 -8.20 9.45
N ARG B 136 6.10 -9.21 8.57
CA ARG B 136 6.64 -9.04 7.21
C ARG B 136 5.63 -8.38 6.27
N VAL B 137 6.09 -7.46 5.42
CA VAL B 137 5.20 -6.76 4.50
C VAL B 137 4.93 -7.68 3.31
N ILE B 138 3.69 -8.14 3.18
CA ILE B 138 3.25 -9.00 2.10
C ILE B 138 2.64 -8.22 0.92
N GLY B 139 2.56 -6.89 1.02
CA GLY B 139 2.02 -6.07 -0.04
C GLY B 139 1.62 -4.68 0.41
N LEU B 140 1.24 -3.82 -0.54
CA LEU B 140 0.78 -2.46 -0.25
C LEU B 140 -0.68 -2.30 -0.70
N TYR B 141 -1.42 -1.49 0.06
CA TYR B 141 -2.84 -1.16 -0.07
C TYR B 141 -3.02 0.11 -0.88
N GLY B 142 -4.04 0.18 -1.72
CA GLY B 142 -4.29 1.40 -2.47
C GLY B 142 -4.59 1.27 -3.95
N ASN B 143 -4.57 0.05 -4.53
CA ASN B 143 -4.97 -0.12 -5.92
C ASN B 143 -6.04 -1.19 -5.98
N GLY B 144 -7.27 -0.80 -6.33
CA GLY B 144 -8.35 -1.75 -6.39
C GLY B 144 -9.57 -1.36 -7.19
N VAL B 145 -10.73 -1.73 -6.68
CA VAL B 145 -11.97 -1.56 -7.41
C VAL B 145 -13.16 -1.16 -6.51
N VAL B 146 -14.23 -0.68 -7.14
CA VAL B 146 -15.47 -0.29 -6.49
C VAL B 146 -16.43 -1.41 -6.78
N ILE B 147 -16.89 -2.11 -5.72
CA ILE B 147 -17.74 -3.27 -5.91
C ILE B 147 -19.24 -2.88 -6.03
N LYS B 148 -20.11 -3.84 -6.40
N LYS B 148 -20.11 -3.84 -6.40
CA LYS B 148 -21.56 -3.66 -6.58
CA LYS B 148 -21.56 -3.66 -6.58
C LYS B 148 -22.27 -2.96 -5.41
C LYS B 148 -22.27 -2.96 -5.41
N ASN B 149 -21.63 -2.93 -4.22
CA ASN B 149 -22.17 -2.26 -3.03
C ASN B 149 -21.78 -0.77 -2.93
N GLY B 150 -20.75 -0.37 -3.66
CA GLY B 150 -20.19 0.98 -3.56
C GLY B 150 -18.93 1.05 -2.70
N SER B 151 -18.66 0.02 -1.90
N SER B 151 -18.66 0.02 -1.89
N SER B 151 -18.66 0.01 -1.90
N SER B 151 -18.66 0.02 -1.90
CA SER B 151 -17.49 -0.04 -1.03
CA SER B 151 -17.48 -0.01 -1.03
CA SER B 151 -17.47 -0.04 -1.04
CA SER B 151 -17.47 -0.02 -1.04
C SER B 151 -16.19 -0.31 -1.82
C SER B 151 -16.20 -0.31 -1.81
C SER B 151 -16.19 -0.29 -1.84
C SER B 151 -16.19 -0.30 -1.82
N TYR B 152 -15.05 0.07 -1.26
CA TYR B 152 -13.76 -0.12 -1.90
C TYR B 152 -13.03 -1.41 -1.48
N VAL B 153 -12.57 -2.20 -2.47
CA VAL B 153 -11.78 -3.40 -2.25
C VAL B 153 -10.40 -3.23 -2.94
N SER B 154 -9.31 -3.21 -2.15
CA SER B 154 -7.96 -3.03 -2.68
C SER B 154 -7.25 -4.36 -2.87
N ALA B 155 -6.37 -4.48 -3.85
CA ALA B 155 -5.54 -5.65 -4.02
C ALA B 155 -4.41 -5.65 -2.94
N ILE B 156 -3.81 -6.81 -2.69
CA ILE B 156 -2.62 -6.89 -1.86
C ILE B 156 -1.51 -6.88 -2.97
N THR B 157 -1.02 -5.68 -3.30
CA THR B 157 -0.02 -5.48 -4.38
C THR B 157 1.41 -5.68 -3.89
N GLN B 158 2.08 -6.71 -4.39
CA GLN B 158 3.45 -7.00 -4.00
C GLN B 158 4.38 -6.93 -5.23
N GLY B 159 5.60 -6.52 -5.03
CA GLY B 159 6.59 -6.49 -6.09
C GLY B 159 7.32 -7.82 -6.17
N LYS B 160 8.44 -7.80 -6.87
CA LYS B 160 9.31 -8.96 -7.03
C LYS B 160 10.70 -8.53 -6.55
N ARG B 161 11.33 -9.30 -5.64
CA ARG B 161 12.67 -8.97 -5.16
C ARG B 161 13.72 -9.66 -6.03
N GLU B 162 14.44 -8.91 -6.88
CA GLU B 162 15.48 -9.45 -7.76
C GLU B 162 16.66 -10.06 -6.99
S DMS C . 7.97 13.40 -12.83
O DMS C . 8.59 12.17 -12.37
C1 DMS C . 8.35 14.62 -11.61
C2 DMS C . 6.25 13.29 -12.44
N1 A1BXV D . -7.64 4.43 -5.80
N3 A1BXV D . -10.22 4.97 -5.17
C4 A1BXV D . -11.13 5.13 -2.52
C5 A1BXV D . -11.61 5.27 -1.09
C6 A1BXV D . -9.76 4.85 -2.78
C7 A1BXV D . -8.81 4.62 -1.75
C8 A1BXV D . -7.52 4.34 -2.07
C10 A1BXV D . -7.97 4.49 -4.45
C13 A1BXV D . -5.32 4.21 -7.81
C15 A1BXV D . -5.27 5.16 -10.18
C17 A1BXV D . -3.73 3.02 -11.14
C1 A1BXV D . -12.41 5.45 -6.06
C2 A1BXV D . -11.49 5.23 -4.89
C3 A1BXV D . -11.97 5.33 -3.57
O1 A1BXV D . -12.99 4.96 -0.93
C9 A1BXV D . -7.09 4.28 -3.41
C11 A1BXV D . -7.39 3.35 -6.57
O2 A1BXV D . -7.63 2.19 -6.22
C12 A1BXV D . -6.74 3.62 -7.91
C14 A1BXV D . -4.55 4.34 -9.12
C16 A1BXV D . -4.50 5.33 -11.47
N2 A1BXV D . -3.38 4.38 -11.58
C18 A1BXV D . -4.10 3.01 -9.69
C19 A1BXV D . -9.34 4.78 -4.14
#